data_9C7S
#
_entry.id   9C7S
#
_cell.length_a   1.00
_cell.length_b   1.00
_cell.length_c   1.00
_cell.angle_alpha   90.00
_cell.angle_beta   90.00
_cell.angle_gamma   90.00
#
_symmetry.space_group_name_H-M   'P 1'
#
loop_
_entity.id
_entity.type
_entity.pdbx_description
1 polymer "Spike protein S2'"
2 polymer 'Fab COV-3891 heavy chain'
3 polymer 'Fab COV-3891 light chain'
4 non-polymer 2-acetamido-2-deoxy-beta-D-glucopyranose
#
loop_
_entity_poly.entity_id
_entity_poly.type
_entity_poly.pdbx_seq_one_letter_code
_entity_poly.pdbx_strand_id
1 'polypeptide(L)'
;PTESIVRFPNITNLCPFDEVFNATTFASVYAWNRKRISNCVADYSVLYNFAPFFAFKCYGVSPTKLNDLCFTNVYADSFV
IRGNEVSQIAPGQTGNIADYNYKLPDDFTGCVIAWNSNKLDSTVGGNYNYRYRLFRKSKLKPFERDISTEIYQAGNKPCN
GVAGVNCYFPLQSYGFRPTYGVGHQPYRVVVLSFELLHAPATVCGPKKSTNLVKNKCVNFNFNGLTGTGVLTESNKKFLP
FQQFGRDIADTTDAVRDPQTLEILDITP
;
C
2 'polypeptide(L)'
;QVLLVQSGAEVKKPGASVKVSCKASGYTFTNNHLNWLRQAPGQGREWMGIIDPRSGGSSLAQKFQGRVTMTSVTSTNTVY
MEMVSLKSEDTAVYYCARGGSKWYEGFDNWGQGTLV
;
H
3 'polypeptide(L)'
;VLTQAPSASGTPGQRATISCSGSYSNIGNNNVYWYQQLPETAPKLLIYNNDQRPSGVPDRFSASKSGTSASLAISGLRSE
DEAEYFCAAWNNGLSGSNWVFGGGTQL
;
L
#
loop_
_chem_comp.id
_chem_comp.type
_chem_comp.name
_chem_comp.formula
NAG D-saccharide, beta linking 2-acetamido-2-deoxy-beta-D-glucopyranose 'C8 H15 N O6'
#
# COMPACT_ATOMS: atom_id res chain seq x y z
N PRO A 1 7.98 -20.14 43.05
CA PRO A 1 6.88 -19.93 42.11
C PRO A 1 5.53 -20.33 42.69
N THR A 2 5.25 -19.88 43.92
CA THR A 2 3.96 -20.17 44.53
C THR A 2 2.82 -19.57 43.73
N GLU A 3 3.00 -18.33 43.26
CA GLU A 3 2.03 -17.67 42.41
C GLU A 3 2.77 -17.00 41.27
N SER A 4 2.08 -16.12 40.55
CA SER A 4 2.67 -15.35 39.46
C SER A 4 2.08 -13.95 39.49
N ILE A 5 2.86 -12.98 39.98
CA ILE A 5 2.44 -11.59 40.04
C ILE A 5 2.93 -10.88 38.78
N VAL A 6 2.07 -10.05 38.21
CA VAL A 6 2.39 -9.20 37.07
C VAL A 6 1.73 -7.86 37.31
N ARG A 7 2.53 -6.80 37.44
CA ARG A 7 2.01 -5.47 37.65
C ARG A 7 2.55 -4.53 36.60
N PHE A 8 1.66 -3.85 35.89
CA PHE A 8 1.97 -2.84 34.90
C PHE A 8 1.28 -1.56 35.33
N PRO A 9 1.71 -0.41 34.78
CA PRO A 9 1.01 0.84 35.10
C PRO A 9 -0.48 0.74 34.82
N ASN A 10 -1.28 1.21 35.78
CA ASN A 10 -2.72 0.98 35.72
C ASN A 10 -3.37 1.77 34.60
N ILE A 11 -2.73 2.85 34.13
CA ILE A 11 -3.36 3.69 33.11
C ILE A 11 -3.66 2.88 31.86
N THR A 12 -4.73 3.26 31.16
CA THR A 12 -5.16 2.53 29.98
C THR A 12 -5.79 3.50 28.99
N ASN A 13 -5.49 3.31 27.71
CA ASN A 13 -6.06 4.07 26.61
C ASN A 13 -5.62 3.43 25.31
N LEU A 14 -6.52 3.40 24.33
CA LEU A 14 -6.14 2.91 23.02
C LEU A 14 -5.09 3.82 22.42
N CYS A 15 -3.94 3.25 22.06
CA CYS A 15 -2.82 4.05 21.59
C CYS A 15 -3.16 4.68 20.24
N PRO A 16 -2.53 5.81 19.92
CA PRO A 16 -2.84 6.47 18.65
C PRO A 16 -2.19 5.78 17.46
N PHE A 17 -1.74 4.53 17.66
CA PHE A 17 -1.21 3.75 16.57
C PHE A 17 -2.18 3.67 15.40
N ASP A 18 -3.48 3.64 15.69
CA ASP A 18 -4.46 3.55 14.61
C ASP A 18 -4.40 4.76 13.70
N GLU A 19 -4.44 5.96 14.28
CA GLU A 19 -4.37 7.17 13.47
C GLU A 19 -2.99 7.40 12.88
N VAL A 20 -1.95 6.86 13.52
CA VAL A 20 -0.61 6.92 12.94
C VAL A 20 -0.54 6.09 11.67
N PHE A 21 -1.09 4.89 11.72
CA PHE A 21 -1.03 3.97 10.59
C PHE A 21 -2.08 4.27 9.54
N ASN A 22 -3.09 5.08 9.87
CA ASN A 22 -4.22 5.32 8.99
C ASN A 22 -4.33 6.77 8.54
N ALA A 23 -3.28 7.57 8.69
CA ALA A 23 -3.34 8.95 8.23
C ALA A 23 -3.52 9.00 6.72
N THR A 24 -4.36 9.93 6.26
CA THR A 24 -4.68 9.99 4.84
C THR A 24 -3.53 10.56 4.02
N THR A 25 -2.61 11.28 4.65
CA THR A 25 -1.47 11.86 3.96
C THR A 25 -0.24 11.73 4.85
N PHE A 26 0.82 11.13 4.30
CA PHE A 26 2.07 10.93 5.00
C PHE A 26 3.09 11.96 4.54
N ALA A 27 4.09 12.19 5.37
CA ALA A 27 5.13 13.14 5.02
C ALA A 27 6.13 12.51 4.05
N SER A 28 7.10 13.31 3.64
CA SER A 28 8.11 12.87 2.69
C SER A 28 9.39 12.48 3.41
N VAL A 29 10.32 11.90 2.65
CA VAL A 29 11.66 11.67 3.16
C VAL A 29 12.34 12.99 3.48
N TYR A 30 11.82 14.08 2.93
CA TYR A 30 12.37 15.41 3.21
C TYR A 30 12.26 15.74 4.69
N ALA A 31 11.13 15.41 5.32
CA ALA A 31 10.91 15.71 6.74
C ALA A 31 10.11 14.56 7.35
N TRP A 32 10.80 13.67 8.06
CA TRP A 32 10.16 12.58 8.77
C TRP A 32 9.31 13.11 9.92
N ASN A 33 7.99 13.07 9.79
CA ASN A 33 7.13 13.60 10.83
C ASN A 33 7.10 12.65 12.02
N ARG A 34 7.87 12.98 13.06
CA ARG A 34 7.98 12.17 14.26
C ARG A 34 6.99 12.68 15.28
N LYS A 35 6.07 11.82 15.72
CA LYS A 35 5.06 12.18 16.70
C LYS A 35 5.17 11.25 17.90
N ARG A 36 5.01 11.81 19.09
CA ARG A 36 5.16 11.05 20.32
C ARG A 36 3.89 10.25 20.61
N ILE A 37 4.08 9.01 21.06
CA ILE A 37 3.00 8.18 21.58
C ILE A 37 3.36 7.79 23.01
N SER A 38 2.44 8.05 23.93
CA SER A 38 2.66 7.74 25.33
C SER A 38 1.33 7.75 26.06
N ASN A 39 1.36 7.31 27.32
CA ASN A 39 0.19 7.28 28.19
C ASN A 39 -0.95 6.47 27.56
N CYS A 40 -0.60 5.34 26.96
CA CYS A 40 -1.61 4.45 26.39
C CYS A 40 -1.07 3.04 26.39
N VAL A 41 -1.98 2.07 26.44
CA VAL A 41 -1.61 0.67 26.32
C VAL A 41 -1.48 0.31 24.84
N ALA A 42 -0.34 -0.26 24.47
CA ALA A 42 -0.04 -0.54 23.07
C ALA A 42 -0.58 -1.92 22.70
N ASP A 43 -1.41 -1.96 21.66
CA ASP A 43 -1.97 -3.21 21.15
C ASP A 43 -1.62 -3.34 19.68
N TYR A 44 -1.03 -4.47 19.31
CA TYR A 44 -0.54 -4.72 17.97
C TYR A 44 -1.54 -5.50 17.12
N SER A 45 -2.69 -5.86 17.69
CA SER A 45 -3.73 -6.50 16.90
C SER A 45 -4.24 -5.57 15.81
N VAL A 46 -4.29 -4.27 16.07
CA VAL A 46 -4.71 -3.33 15.03
C VAL A 46 -3.66 -3.26 13.92
N LEU A 47 -2.38 -3.34 14.29
CA LEU A 47 -1.33 -3.35 13.27
C LEU A 47 -1.45 -4.61 12.41
N TYR A 48 -1.72 -5.75 13.03
CA TYR A 48 -1.93 -6.97 12.25
C TYR A 48 -3.17 -6.87 11.37
N ASN A 49 -4.25 -6.29 11.91
CA ASN A 49 -5.47 -6.10 11.12
C ASN A 49 -5.24 -5.18 9.94
N PHE A 50 -4.27 -4.27 10.05
CA PHE A 50 -3.92 -3.42 8.92
C PHE A 50 -3.41 -4.28 7.75
N ALA A 51 -3.12 -3.60 6.65
CA ALA A 51 -2.79 -4.28 5.41
C ALA A 51 -1.58 -5.20 5.59
N PRO A 52 -1.55 -6.33 4.90
CA PRO A 52 -0.41 -7.27 5.06
C PRO A 52 0.90 -6.61 4.69
N PHE A 53 1.82 -6.60 5.65
CA PHE A 53 3.13 -6.00 5.44
C PHE A 53 3.86 -6.67 4.29
N PHE A 54 4.53 -5.85 3.47
CA PHE A 54 5.46 -6.41 2.50
C PHE A 54 6.76 -6.82 3.19
N ALA A 55 7.17 -6.05 4.20
CA ALA A 55 8.42 -6.34 4.91
C ALA A 55 8.30 -5.78 6.32
N PHE A 56 8.03 -6.65 7.29
CA PHE A 56 8.02 -6.32 8.71
C PHE A 56 9.22 -7.04 9.32
N LYS A 57 10.35 -6.35 9.42
CA LYS A 57 11.54 -6.91 10.03
C LYS A 57 11.95 -5.97 11.15
N CYS A 58 12.18 -6.51 12.34
CA CYS A 58 12.35 -5.71 13.54
C CYS A 58 13.59 -6.14 14.31
N TYR A 59 14.26 -5.17 14.93
CA TYR A 59 15.58 -5.33 15.50
C TYR A 59 15.54 -5.09 17.00
N GLY A 60 16.41 -5.80 17.73
CA GLY A 60 16.49 -5.66 19.16
C GLY A 60 15.31 -6.22 19.92
N VAL A 61 14.35 -6.82 19.22
CA VAL A 61 13.14 -7.34 19.83
C VAL A 61 12.52 -8.29 18.81
N SER A 62 11.64 -9.15 19.28
CA SER A 62 10.95 -9.96 18.30
C SER A 62 9.44 -9.74 18.40
N PRO A 63 8.71 -9.87 17.29
CA PRO A 63 7.26 -9.62 17.33
C PRO A 63 6.50 -10.52 18.29
N THR A 64 7.01 -11.73 18.55
CA THR A 64 6.43 -12.54 19.61
C THR A 64 6.74 -11.95 20.98
N LYS A 65 7.99 -11.56 21.21
CA LYS A 65 8.42 -10.89 22.44
C LYS A 65 7.98 -9.43 22.48
N LEU A 66 7.23 -8.98 21.48
CA LEU A 66 6.89 -7.56 21.39
C LEU A 66 5.79 -7.18 22.37
N ASN A 67 4.86 -8.09 22.67
CA ASN A 67 3.66 -7.72 23.42
C ASN A 67 3.93 -7.54 24.92
N ASP A 68 4.76 -8.38 25.52
CA ASP A 68 4.92 -8.32 26.97
C ASP A 68 5.82 -7.16 27.40
N LEU A 69 6.82 -6.81 26.61
CA LEU A 69 7.76 -5.77 27.02
C LEU A 69 7.10 -4.41 27.07
N CYS A 70 7.53 -3.59 28.03
CA CYS A 70 7.08 -2.21 28.18
C CYS A 70 8.12 -1.27 27.64
N PHE A 71 7.72 -0.42 26.70
CA PHE A 71 8.61 0.55 26.08
C PHE A 71 8.45 1.91 26.75
N THR A 72 9.56 2.61 26.92
CA THR A 72 9.51 3.90 27.61
C THR A 72 9.15 5.03 26.66
N ASN A 73 9.90 5.18 25.57
CA ASN A 73 9.66 6.22 24.58
C ASN A 73 9.50 5.57 23.22
N VAL A 74 8.29 5.64 22.66
CA VAL A 74 7.99 5.12 21.33
C VAL A 74 7.73 6.30 20.41
N TYR A 75 8.33 6.28 19.24
CA TYR A 75 8.31 7.39 18.29
C TYR A 75 8.06 6.84 16.90
N ALA A 76 6.87 7.06 16.37
CA ALA A 76 6.47 6.55 15.07
C ALA A 76 6.83 7.59 14.01
N ASP A 77 7.82 7.26 13.17
CA ASP A 77 8.22 8.11 12.07
C ASP A 77 7.63 7.58 10.77
N SER A 78 7.03 8.46 9.99
CA SER A 78 6.34 8.08 8.77
C SER A 78 6.94 8.80 7.58
N PHE A 79 6.92 8.13 6.42
CA PHE A 79 7.51 8.66 5.20
C PHE A 79 7.12 7.73 4.05
N VAL A 80 7.39 8.18 2.82
CA VAL A 80 7.08 7.41 1.62
C VAL A 80 8.34 7.31 0.77
N ILE A 81 8.73 6.08 0.44
CA ILE A 81 9.99 5.79 -0.24
C ILE A 81 9.78 4.79 -1.37
N ARG A 82 10.71 4.81 -2.33
CA ARG A 82 10.60 3.97 -3.53
C ARG A 82 10.76 2.50 -3.20
N GLY A 83 9.91 1.67 -3.80
CA GLY A 83 9.95 0.24 -3.54
C GLY A 83 11.27 -0.42 -3.88
N ASN A 84 12.06 0.19 -4.76
CA ASN A 84 13.41 -0.33 -5.01
C ASN A 84 14.27 -0.22 -3.76
N GLU A 85 14.20 0.93 -3.09
CA GLU A 85 15.08 1.26 -1.98
C GLU A 85 14.44 0.98 -0.62
N VAL A 86 13.51 0.03 -0.54
CA VAL A 86 12.90 -0.30 0.74
C VAL A 86 13.92 -0.89 1.69
N SER A 87 14.80 -1.75 1.19
CA SER A 87 15.80 -2.40 2.02
C SER A 87 16.83 -1.42 2.57
N GLN A 88 16.85 -0.19 2.08
CA GLN A 88 17.89 0.77 2.46
C GLN A 88 17.63 1.42 3.82
N ILE A 89 16.43 1.28 4.39
CA ILE A 89 16.19 1.91 5.68
C ILE A 89 16.87 1.14 6.81
N ALA A 90 17.27 -0.10 6.56
CA ALA A 90 17.97 -0.86 7.58
C ALA A 90 19.32 -0.21 7.90
N PRO A 91 19.68 -0.09 9.17
CA PRO A 91 20.99 0.48 9.51
C PRO A 91 22.13 -0.41 9.03
N GLY A 92 23.27 0.22 8.77
CA GLY A 92 24.38 -0.47 8.17
C GLY A 92 24.29 -0.59 6.66
N GLN A 93 23.39 0.13 6.02
CA GLN A 93 23.22 0.10 4.58
C GLN A 93 23.44 1.49 4.01
N THR A 94 23.83 1.53 2.74
CA THR A 94 24.02 2.76 2.00
C THR A 94 23.04 2.82 0.83
N GLY A 95 22.70 4.03 0.45
CA GLY A 95 21.71 4.25 -0.60
C GLY A 95 21.22 5.67 -0.53
N ASN A 96 20.53 6.07 -1.60
CA ASN A 96 20.13 7.47 -1.75
C ASN A 96 19.43 7.97 -0.49
N ILE A 97 18.49 7.18 0.03
CA ILE A 97 17.88 7.48 1.31
C ILE A 97 18.96 7.59 2.39
N ALA A 98 19.84 6.58 2.45
CA ALA A 98 20.86 6.55 3.49
C ALA A 98 21.83 7.72 3.35
N ASP A 99 22.27 8.03 2.13
CA ASP A 99 23.22 9.13 1.99
C ASP A 99 22.58 10.46 2.38
N TYR A 100 21.42 10.76 1.83
CA TYR A 100 21.01 12.15 2.04
C TYR A 100 19.60 12.31 2.58
N ASN A 101 18.70 11.36 2.33
CA ASN A 101 17.32 11.55 2.78
C ASN A 101 17.20 11.35 4.28
N TYR A 102 17.62 10.20 4.80
CA TYR A 102 17.49 9.95 6.24
C TYR A 102 18.34 8.74 6.62
N LYS A 103 18.69 8.67 7.90
CA LYS A 103 19.49 7.59 8.45
C LYS A 103 18.77 6.88 9.58
N LEU A 104 19.13 5.62 9.79
CA LEU A 104 18.76 4.87 10.96
C LEU A 104 20.02 4.53 11.74
N PRO A 105 20.12 4.90 13.02
CA PRO A 105 21.33 4.57 13.78
C PRO A 105 21.56 3.07 13.83
N ASP A 106 22.85 2.70 13.82
CA ASP A 106 23.22 1.29 13.74
C ASP A 106 22.66 0.50 14.91
N ASP A 107 22.76 1.05 16.13
CA ASP A 107 22.21 0.42 17.32
C ASP A 107 20.74 0.82 17.41
N PHE A 108 19.91 0.18 16.59
CA PHE A 108 18.49 0.47 16.55
C PHE A 108 17.70 -0.70 17.13
N THR A 109 16.80 -0.40 18.06
CA THR A 109 15.89 -1.38 18.65
C THR A 109 14.47 -0.93 18.32
N GLY A 110 13.97 -1.34 17.16
CA GLY A 110 12.65 -0.92 16.73
C GLY A 110 12.12 -1.79 15.63
N CYS A 111 10.98 -1.36 15.07
CA CYS A 111 10.30 -2.08 14.02
C CYS A 111 10.18 -1.19 12.79
N VAL A 112 10.44 -1.77 11.62
CA VAL A 112 10.21 -1.09 10.35
C VAL A 112 9.18 -1.91 9.57
N ILE A 113 8.14 -1.23 9.09
CA ILE A 113 7.04 -1.88 8.38
C ILE A 113 6.74 -1.10 7.12
N ALA A 114 6.52 -1.81 6.02
CA ALA A 114 6.19 -1.20 4.74
C ALA A 114 5.11 -2.03 4.07
N TRP A 115 4.25 -1.36 3.30
CA TRP A 115 3.18 -2.03 2.58
C TRP A 115 2.97 -1.33 1.26
N ASN A 116 2.64 -2.11 0.23
CA ASN A 116 2.45 -1.55 -1.09
C ASN A 116 1.31 -0.54 -1.05
N SER A 117 1.60 0.68 -1.50
CA SER A 117 0.68 1.80 -1.32
C SER A 117 0.23 2.42 -2.64
N ASN A 118 0.52 1.76 -3.77
CA ASN A 118 -0.07 2.23 -5.02
C ASN A 118 -1.58 2.10 -5.00
N LYS A 119 -2.12 1.33 -4.05
CA LYS A 119 -3.56 1.13 -3.96
C LYS A 119 -4.28 2.46 -3.88
N LEU A 120 -3.82 3.37 -3.02
CA LEU A 120 -4.46 4.66 -2.88
C LEU A 120 -3.51 5.85 -2.78
N ASP A 121 -2.21 5.64 -2.57
CA ASP A 121 -1.24 6.72 -2.53
C ASP A 121 -0.58 6.95 -3.89
N SER A 122 -1.27 6.60 -4.98
CA SER A 122 -0.78 6.84 -6.32
C SER A 122 -1.83 7.58 -7.13
N THR A 123 -1.38 8.56 -7.89
CA THR A 123 -2.25 9.28 -8.82
C THR A 123 -1.67 9.14 -10.22
N VAL A 124 -2.57 9.07 -11.20
CA VAL A 124 -2.15 8.85 -12.59
C VAL A 124 -1.24 9.97 -13.05
N GLY A 125 -1.49 11.19 -12.58
CA GLY A 125 -0.57 12.28 -12.86
C GLY A 125 0.69 12.26 -12.02
N GLY A 126 0.76 11.38 -11.03
CA GLY A 126 1.93 11.28 -10.18
C GLY A 126 1.79 12.11 -8.92
N ASN A 127 2.39 11.62 -7.84
CA ASN A 127 2.35 12.31 -6.56
C ASN A 127 3.64 13.12 -6.39
N TYR A 128 3.68 14.26 -7.09
CA TYR A 128 4.82 15.15 -6.99
C TYR A 128 4.91 15.83 -5.64
N ASN A 129 3.88 15.71 -4.80
CA ASN A 129 3.96 16.24 -3.44
C ASN A 129 5.02 15.52 -2.62
N TYR A 130 5.44 14.32 -3.03
CA TYR A 130 6.49 13.59 -2.36
C TYR A 130 7.82 13.87 -3.03
N ARG A 131 8.81 14.27 -2.25
CA ARG A 131 10.08 14.78 -2.77
C ARG A 131 11.25 14.17 -2.04
N TYR A 132 12.39 14.13 -2.72
CA TYR A 132 13.63 13.58 -2.17
C TYR A 132 14.81 14.42 -2.67
N ARG A 133 15.96 14.22 -2.03
CA ARG A 133 17.15 15.03 -2.29
C ARG A 133 18.23 14.18 -2.99
N LEU A 134 18.64 14.61 -4.18
CA LEU A 134 19.83 14.02 -4.79
C LEU A 134 21.10 14.45 -4.06
N PHE A 135 21.23 15.74 -3.79
CA PHE A 135 22.48 16.33 -3.40
C PHE A 135 22.39 16.93 -2.00
N ARG A 136 23.50 16.88 -1.28
CA ARG A 136 23.61 17.49 0.03
C ARG A 136 25.08 17.80 0.28
N LYS A 137 25.33 18.72 1.21
CA LYS A 137 26.70 19.13 1.51
C LYS A 137 27.54 17.94 1.98
N SER A 138 26.96 17.06 2.78
CA SER A 138 27.68 15.91 3.32
C SER A 138 26.68 14.81 3.64
N LYS A 139 27.14 13.80 4.39
CA LYS A 139 26.26 12.74 4.83
C LYS A 139 25.44 13.20 6.03
N LEU A 140 24.15 12.89 6.01
CA LEU A 140 23.24 13.36 7.05
C LEU A 140 23.40 12.46 8.27
N LYS A 141 23.44 13.07 9.46
CA LYS A 141 23.69 12.32 10.68
C LYS A 141 22.47 11.47 11.06
N PRO A 142 22.67 10.37 11.78
CA PRO A 142 21.54 9.53 12.17
C PRO A 142 20.56 10.28 13.06
N PHE A 143 19.28 10.17 12.72
CA PHE A 143 18.19 10.81 13.47
C PHE A 143 18.44 12.31 13.64
N GLU A 144 18.79 12.95 12.53
CA GLU A 144 19.08 14.38 12.51
C GLU A 144 18.10 15.08 11.58
N ARG A 145 17.57 16.22 12.03
CA ARG A 145 16.62 16.98 11.23
C ARG A 145 17.30 17.55 9.99
N ASP A 146 16.56 17.57 8.88
CA ASP A 146 16.99 18.27 7.67
C ASP A 146 15.74 18.77 6.96
N ILE A 147 15.46 20.06 7.06
CA ILE A 147 14.20 20.60 6.55
C ILE A 147 14.47 21.79 5.64
N SER A 148 15.72 22.03 5.32
CA SER A 148 16.12 23.15 4.47
C SER A 148 16.50 22.63 3.09
N THR A 149 15.94 23.25 2.06
CA THR A 149 16.21 22.89 0.66
C THR A 149 16.61 24.14 -0.11
N GLU A 150 17.90 24.44 -0.06
CA GLU A 150 18.46 25.62 -0.71
C GLU A 150 19.32 25.18 -1.89
N ILE A 151 19.39 26.04 -2.91
CA ILE A 151 19.96 25.66 -4.19
C ILE A 151 21.43 25.29 -4.00
N TYR A 152 21.79 24.07 -4.42
CA TYR A 152 23.12 23.52 -4.22
C TYR A 152 23.86 23.43 -5.54
N GLN A 153 25.15 23.76 -5.51
CA GLN A 153 26.01 23.73 -6.70
C GLN A 153 27.09 22.68 -6.51
N ALA A 154 27.22 21.78 -7.49
CA ALA A 154 28.25 20.76 -7.42
C ALA A 154 29.63 21.34 -7.73
N GLY A 155 29.68 22.32 -8.62
CA GLY A 155 30.95 22.90 -9.03
C GLY A 155 31.47 23.93 -8.05
N ASN A 156 32.65 24.46 -8.38
CA ASN A 156 33.29 25.46 -7.52
C ASN A 156 32.58 26.80 -7.58
N LYS A 157 31.95 27.12 -8.71
CA LYS A 157 31.30 28.42 -8.87
C LYS A 157 30.09 28.52 -7.95
N PRO A 158 30.04 29.50 -7.04
CA PRO A 158 28.86 29.66 -6.20
C PRO A 158 27.63 30.01 -7.03
N CYS A 159 26.47 29.52 -6.57
CA CYS A 159 25.24 29.70 -7.34
C CYS A 159 24.75 31.15 -7.27
N ASN A 160 24.78 31.75 -6.09
CA ASN A 160 24.21 33.08 -5.86
C ASN A 160 22.75 33.12 -6.28
N GLY A 161 22.02 32.04 -6.01
CA GLY A 161 20.61 31.97 -6.37
C GLY A 161 20.35 31.70 -7.83
N VAL A 162 21.34 31.23 -8.58
CA VAL A 162 21.21 30.96 -10.01
C VAL A 162 21.47 29.49 -10.25
N ALA A 163 20.57 28.84 -11.00
CA ALA A 163 20.70 27.44 -11.33
C ALA A 163 21.30 27.27 -12.72
N GLY A 164 22.12 26.23 -12.88
CA GLY A 164 22.76 25.97 -14.16
C GLY A 164 23.51 24.66 -14.12
N VAL A 165 24.31 24.44 -15.15
CA VAL A 165 25.16 23.25 -15.18
C VAL A 165 26.10 23.26 -13.99
N ASN A 166 26.33 22.08 -13.41
CA ASN A 166 27.07 21.86 -12.17
C ASN A 166 26.38 22.47 -10.96
N CYS A 167 25.21 23.09 -11.13
CA CYS A 167 24.43 23.64 -10.02
C CYS A 167 23.00 23.14 -10.20
N TYR A 168 22.73 21.94 -9.70
CA TYR A 168 21.48 21.26 -9.98
C TYR A 168 20.38 21.69 -9.02
N PHE A 169 19.14 21.40 -9.41
CA PHE A 169 17.98 21.78 -8.62
C PHE A 169 18.01 21.05 -7.27
N PRO A 170 17.47 21.69 -6.21
CA PRO A 170 17.69 21.19 -4.85
C PRO A 170 17.08 19.83 -4.56
N LEU A 171 15.78 19.67 -4.81
CA LEU A 171 15.05 18.46 -4.48
C LEU A 171 14.34 17.92 -5.70
N GLN A 172 14.27 16.60 -5.81
CA GLN A 172 13.59 15.92 -6.90
C GLN A 172 12.36 15.23 -6.33
N SER A 173 11.20 15.51 -6.93
CA SER A 173 9.94 14.92 -6.50
C SER A 173 9.50 13.89 -7.51
N TYR A 174 9.27 12.66 -7.03
CA TYR A 174 8.88 11.55 -7.89
C TYR A 174 7.36 11.44 -7.95
N GLY A 175 6.83 11.35 -9.16
CA GLY A 175 5.41 11.19 -9.35
C GLY A 175 5.05 9.76 -9.70
N PHE A 176 4.47 9.03 -8.76
CA PHE A 176 4.20 7.61 -8.96
C PHE A 176 3.14 7.41 -10.03
N ARG A 177 3.48 6.62 -11.03
CA ARG A 177 2.38 6.27 -11.92
C ARG A 177 1.82 4.91 -11.54
N PRO A 178 0.51 4.71 -11.69
CA PRO A 178 -0.04 3.36 -11.44
C PRO A 178 0.62 2.30 -12.29
N THR A 179 1.05 2.67 -13.49
CA THR A 179 1.70 1.75 -14.42
C THR A 179 3.08 1.31 -13.94
N TYR A 180 3.70 2.05 -13.02
CA TYR A 180 5.06 1.75 -12.59
C TYR A 180 5.12 0.36 -11.95
N GLY A 181 6.25 -0.31 -12.18
CA GLY A 181 6.43 -1.64 -11.64
C GLY A 181 6.54 -1.64 -10.13
N VAL A 182 6.41 -2.84 -9.56
CA VAL A 182 6.38 -2.98 -8.10
C VAL A 182 7.65 -2.41 -7.48
N GLY A 183 8.78 -2.49 -8.19
CA GLY A 183 9.99 -1.87 -7.70
C GLY A 183 9.86 -0.36 -7.57
N HIS A 184 9.22 0.27 -8.56
CA HIS A 184 9.10 1.72 -8.57
C HIS A 184 7.81 2.23 -7.95
N GLN A 185 6.92 1.34 -7.51
CA GLN A 185 5.69 1.78 -6.88
C GLN A 185 5.98 2.40 -5.52
N PRO A 186 5.14 3.33 -5.06
CA PRO A 186 5.37 3.95 -3.75
C PRO A 186 5.16 2.96 -2.62
N TYR A 187 5.85 3.20 -1.51
CA TYR A 187 5.75 2.37 -0.32
C TYR A 187 5.52 3.28 0.88
N ARG A 188 4.49 2.97 1.67
CA ARG A 188 4.27 3.65 2.94
C ARG A 188 5.02 2.90 4.04
N VAL A 189 5.87 3.62 4.76
CA VAL A 189 6.78 3.02 5.74
C VAL A 189 6.61 3.71 7.07
N VAL A 190 6.63 2.93 8.15
CA VAL A 190 6.54 3.44 9.51
C VAL A 190 7.72 2.89 10.30
N VAL A 191 8.41 3.77 11.02
CA VAL A 191 9.61 3.41 11.78
C VAL A 191 9.36 3.71 13.24
N LEU A 192 9.65 2.74 14.10
CA LEU A 192 9.44 2.85 15.54
C LEU A 192 10.77 2.78 16.27
N SER A 193 10.93 3.60 17.30
CA SER A 193 12.13 3.61 18.12
C SER A 193 11.75 3.33 19.56
N PHE A 194 12.56 2.53 20.25
CA PHE A 194 12.26 2.06 21.60
C PHE A 194 13.40 2.42 22.54
N GLU A 195 13.08 2.44 23.84
CA GLU A 195 14.07 2.62 24.90
C GLU A 195 13.53 1.85 26.10
N LEU A 196 14.41 1.14 26.80
CA LEU A 196 13.99 0.12 27.75
C LEU A 196 14.51 0.33 29.17
N LEU A 197 15.35 1.34 29.41
CA LEU A 197 16.05 1.43 30.68
C LEU A 197 16.02 2.86 31.21
N HIS A 198 15.95 2.99 32.53
CA HIS A 198 16.18 4.24 33.25
C HIS A 198 15.06 5.25 33.02
N ALA A 199 14.01 4.85 32.31
CA ALA A 199 12.93 5.78 32.04
C ALA A 199 11.59 5.19 32.48
N PRO A 200 10.62 6.03 32.83
CA PRO A 200 9.27 5.52 33.08
C PRO A 200 8.70 4.93 31.79
N ALA A 201 7.94 3.85 31.95
CA ALA A 201 7.45 3.14 30.77
C ALA A 201 6.38 3.93 30.04
N THR A 202 5.24 4.16 30.69
CA THR A 202 4.06 4.89 30.21
C THR A 202 3.60 4.40 28.83
N VAL A 203 4.14 3.27 28.38
CA VAL A 203 3.70 2.57 27.17
C VAL A 203 3.88 1.09 27.43
N CYS A 204 2.78 0.33 27.42
CA CYS A 204 2.85 -1.08 27.77
C CYS A 204 1.83 -1.85 26.95
N GLY A 205 2.01 -3.17 26.92
CA GLY A 205 1.08 -4.06 26.27
C GLY A 205 -0.05 -4.44 27.20
N PRO A 206 -1.15 -4.96 26.64
CA PRO A 206 -2.31 -5.32 27.45
C PRO A 206 -2.09 -6.65 28.16
N LYS A 207 -1.84 -6.58 29.47
CA LYS A 207 -1.61 -7.79 30.26
C LYS A 207 -2.38 -7.81 31.57
N LYS A 208 -3.25 -6.83 31.82
CA LYS A 208 -3.96 -6.70 33.09
C LYS A 208 -2.95 -6.61 34.24
N SER A 209 -3.37 -6.93 35.45
CA SER A 209 -2.47 -6.83 36.60
C SER A 209 -3.03 -7.62 37.77
N THR A 210 -2.14 -7.95 38.71
CA THR A 210 -2.50 -8.57 39.97
C THR A 210 -1.57 -8.04 41.05
N ASN A 211 -2.14 -7.80 42.24
CA ASN A 211 -1.36 -7.19 43.32
C ASN A 211 -0.23 -8.11 43.77
N LEU A 212 0.86 -7.52 44.25
CA LEU A 212 1.98 -8.32 44.69
C LEU A 212 1.70 -8.88 46.08
N VAL A 213 2.47 -9.89 46.46
CA VAL A 213 2.43 -10.45 47.80
C VAL A 213 3.82 -10.30 48.39
N LYS A 214 3.97 -9.39 49.34
CA LYS A 214 5.26 -9.14 49.95
C LYS A 214 5.74 -10.38 50.70
N ASN A 215 7.06 -10.58 50.69
CA ASN A 215 7.70 -11.68 51.40
C ASN A 215 7.20 -13.05 50.94
N LYS A 216 6.93 -13.20 49.65
CA LYS A 216 6.50 -14.47 49.08
C LYS A 216 7.32 -14.75 47.82
N CYS A 217 7.78 -15.98 47.69
CA CYS A 217 8.58 -16.37 46.53
C CYS A 217 7.70 -16.45 45.30
N VAL A 218 7.88 -15.51 44.37
CA VAL A 218 7.07 -15.44 43.16
C VAL A 218 7.99 -15.25 41.96
N ASN A 219 7.50 -15.68 40.81
CA ASN A 219 8.12 -15.37 39.52
C ASN A 219 7.45 -14.12 38.96
N PHE A 220 7.96 -12.96 39.35
CA PHE A 220 7.31 -11.69 39.11
C PHE A 220 7.58 -11.18 37.69
N ASN A 221 6.93 -10.08 37.35
CA ASN A 221 7.12 -9.39 36.08
C ASN A 221 6.77 -7.93 36.29
N PHE A 222 7.76 -7.06 36.14
CA PHE A 222 7.60 -5.63 36.39
C PHE A 222 8.03 -4.86 35.15
N ASN A 223 7.08 -4.15 34.55
CA ASN A 223 7.35 -3.32 33.37
C ASN A 223 8.01 -4.13 32.24
N GLY A 224 7.68 -5.42 32.16
CA GLY A 224 8.26 -6.29 31.17
C GLY A 224 9.59 -6.89 31.55
N LEU A 225 10.07 -6.67 32.76
CA LEU A 225 11.30 -7.26 33.25
C LEU A 225 10.97 -8.55 33.98
N THR A 226 11.43 -9.68 33.44
CA THR A 226 11.05 -11.00 33.93
C THR A 226 12.06 -11.45 34.98
N GLY A 227 11.60 -11.60 36.21
CA GLY A 227 12.44 -12.11 37.28
C GLY A 227 11.65 -12.87 38.32
N THR A 228 12.30 -13.74 39.08
CA THR A 228 11.66 -14.52 40.11
C THR A 228 12.36 -14.30 41.44
N GLY A 229 11.60 -14.25 42.52
CA GLY A 229 12.18 -14.10 43.83
C GLY A 229 11.18 -13.55 44.83
N VAL A 230 11.67 -13.36 46.04
CA VAL A 230 10.87 -12.85 47.15
C VAL A 230 10.85 -11.33 47.08
N LEU A 231 9.67 -10.74 47.23
CA LEU A 231 9.49 -9.30 47.21
C LEU A 231 9.50 -8.78 48.64
N THR A 232 10.44 -7.90 48.95
CA THR A 232 10.70 -7.44 50.31
C THR A 232 10.59 -5.93 50.39
N GLU A 233 9.89 -5.43 51.40
CA GLU A 233 9.83 -3.99 51.65
C GLU A 233 11.23 -3.45 51.91
N SER A 234 11.55 -2.33 51.28
CA SER A 234 12.89 -1.79 51.30
C SER A 234 12.89 -0.38 51.85
N ASN A 235 14.06 0.04 52.36
CA ASN A 235 14.23 1.36 52.94
C ASN A 235 15.24 2.22 52.18
N LYS A 236 15.79 1.74 51.07
CA LYS A 236 16.79 2.50 50.33
C LYS A 236 16.06 3.51 49.45
N LYS A 237 16.48 4.77 49.51
CA LYS A 237 15.75 5.87 48.90
C LYS A 237 16.15 6.04 47.44
N PHE A 238 15.15 6.11 46.56
CA PHE A 238 15.35 6.37 45.15
C PHE A 238 14.81 7.75 44.79
N LEU A 239 15.59 8.50 44.01
CA LEU A 239 15.11 9.75 43.46
C LEU A 239 14.12 9.46 42.32
N PRO A 240 13.29 10.45 41.97
CA PRO A 240 12.30 10.21 40.91
C PRO A 240 12.91 9.88 39.56
N PHE A 241 14.20 10.22 39.37
CA PHE A 241 14.83 9.96 38.08
C PHE A 241 14.95 8.47 37.80
N GLN A 242 15.48 7.70 38.74
CA GLN A 242 15.73 6.27 38.55
C GLN A 242 14.57 5.47 39.12
N GLN A 243 14.15 4.43 38.40
CA GLN A 243 13.02 3.62 38.83
C GLN A 243 13.47 2.26 39.33
N PHE A 244 14.31 1.56 38.57
CA PHE A 244 14.80 0.25 38.98
C PHE A 244 16.31 0.33 39.14
N GLY A 245 16.79 -0.23 40.26
CA GLY A 245 18.16 -0.12 40.66
C GLY A 245 19.06 -1.17 40.03
N ARG A 246 20.29 -1.24 40.55
CA ARG A 246 21.29 -2.13 40.00
C ARG A 246 22.32 -2.42 41.09
N ASP A 247 22.89 -3.61 41.04
CA ASP A 247 23.89 -4.00 42.02
C ASP A 247 25.29 -3.95 41.39
N ILE A 248 26.28 -4.42 42.13
CA ILE A 248 27.62 -4.57 41.58
C ILE A 248 27.62 -5.65 40.49
N ALA A 249 26.83 -6.70 40.67
CA ALA A 249 26.80 -7.83 39.75
C ALA A 249 26.16 -7.51 38.41
N ASP A 250 25.54 -6.35 38.28
CA ASP A 250 24.86 -5.77 37.11
C ASP A 250 23.49 -6.40 36.84
N THR A 251 22.96 -7.22 37.75
CA THR A 251 21.57 -7.63 37.67
C THR A 251 20.70 -6.72 38.54
N THR A 252 19.40 -6.75 38.30
CA THR A 252 18.50 -5.89 39.04
C THR A 252 18.40 -6.32 40.49
N ASP A 253 18.34 -5.34 41.39
CA ASP A 253 18.19 -5.60 42.81
C ASP A 253 17.04 -4.81 43.45
N ALA A 254 16.61 -3.71 42.85
CA ALA A 254 15.56 -2.89 43.42
C ALA A 254 14.65 -2.40 42.30
N VAL A 255 13.41 -2.12 42.65
CA VAL A 255 12.41 -1.69 41.68
C VAL A 255 11.32 -0.95 42.42
N ARG A 256 10.71 0.02 41.76
CA ARG A 256 9.58 0.77 42.30
C ARG A 256 8.32 0.32 41.61
N ASP A 257 7.32 -0.07 42.40
CA ASP A 257 6.10 -0.64 41.85
C ASP A 257 5.36 0.43 41.04
N PRO A 258 4.94 0.13 39.82
CA PRO A 258 4.27 1.16 39.01
C PRO A 258 2.94 1.62 39.59
N GLN A 259 2.09 0.69 40.03
CA GLN A 259 0.77 1.08 40.53
C GLN A 259 0.88 1.90 41.80
N THR A 260 1.63 1.40 42.78
CA THR A 260 1.89 2.11 44.03
C THR A 260 3.36 2.49 44.06
N LEU A 261 3.63 3.79 44.08
CA LEU A 261 5.01 4.24 43.99
C LEU A 261 5.75 3.91 45.27
N GLU A 262 6.40 2.75 45.31
CA GLU A 262 7.10 2.28 46.49
C GLU A 262 8.19 1.32 46.04
N ILE A 263 9.34 1.40 46.68
CA ILE A 263 10.54 0.69 46.24
C ILE A 263 10.58 -0.70 46.87
N LEU A 264 10.77 -1.72 46.03
CA LEU A 264 10.83 -3.10 46.47
C LEU A 264 12.18 -3.71 46.14
N ASP A 265 12.55 -4.75 46.87
CA ASP A 265 13.79 -5.47 46.62
C ASP A 265 13.55 -6.64 45.66
N ILE A 266 14.63 -7.06 45.01
CA ILE A 266 14.60 -8.19 44.09
C ILE A 266 15.60 -9.22 44.62
N THR A 267 15.70 -9.31 45.94
CA THR A 267 16.56 -10.31 46.53
C THR A 267 16.09 -11.71 46.14
N PRO A 268 17.03 -12.65 45.97
CA PRO A 268 16.72 -14.03 45.59
C PRO A 268 15.71 -14.70 46.52
N GLN B 1 -28.86 8.33 -18.00
CA GLN B 1 -28.13 7.11 -18.34
C GLN B 1 -26.72 7.44 -18.79
N VAL B 2 -25.76 6.58 -18.41
CA VAL B 2 -24.39 6.78 -18.81
C VAL B 2 -24.20 6.34 -20.25
N LEU B 3 -23.66 7.24 -21.08
CA LEU B 3 -23.47 6.98 -22.49
C LEU B 3 -22.08 7.43 -22.90
N LEU B 4 -21.41 6.61 -23.70
CA LEU B 4 -20.07 6.90 -24.19
C LEU B 4 -20.08 6.92 -25.71
N VAL B 5 -19.60 8.02 -26.30
CA VAL B 5 -19.60 8.15 -27.75
C VAL B 5 -18.51 7.26 -28.34
N GLN B 6 -18.85 6.55 -29.41
CA GLN B 6 -17.92 5.66 -30.10
C GLN B 6 -17.53 6.26 -31.44
N SER B 7 -16.23 6.34 -31.70
CA SER B 7 -15.76 6.75 -33.01
C SER B 7 -16.09 5.69 -34.06
N GLY B 8 -16.45 6.14 -35.26
CA GLY B 8 -16.85 5.21 -36.29
C GLY B 8 -15.72 4.33 -36.76
N ALA B 9 -16.08 3.22 -37.39
CA ALA B 9 -15.08 2.29 -37.91
C ALA B 9 -14.24 2.97 -38.99
N GLU B 10 -12.96 2.62 -39.04
CA GLU B 10 -12.00 3.29 -39.90
C GLU B 10 -11.23 2.25 -40.71
N VAL B 11 -10.86 2.65 -41.93
CA VAL B 11 -9.99 1.82 -42.74
C VAL B 11 -8.59 1.84 -42.15
N LYS B 12 -7.94 0.68 -42.13
CA LYS B 12 -6.64 0.52 -41.51
C LYS B 12 -5.56 0.55 -42.58
N LYS B 13 -4.62 1.49 -42.44
CA LYS B 13 -3.55 1.68 -43.40
C LYS B 13 -2.20 1.63 -42.69
N PRO B 14 -1.27 0.80 -43.12
CA PRO B 14 0.05 0.76 -42.48
C PRO B 14 0.75 2.10 -42.59
N GLY B 15 1.46 2.46 -41.52
CA GLY B 15 2.17 3.74 -41.48
C GLY B 15 1.26 4.95 -41.52
N ALA B 16 0.21 4.95 -40.71
CA ALA B 16 -0.75 6.04 -40.67
C ALA B 16 -1.13 6.37 -39.22
N SER B 17 -1.68 7.56 -39.04
CA SER B 17 -2.09 8.05 -37.72
C SER B 17 -3.60 8.21 -37.70
N VAL B 18 -4.23 7.70 -36.64
CA VAL B 18 -5.67 7.72 -36.49
C VAL B 18 -5.98 8.35 -35.14
N LYS B 19 -7.17 8.93 -35.02
CA LYS B 19 -7.65 9.49 -33.76
C LYS B 19 -9.02 8.92 -33.45
N VAL B 20 -9.23 8.55 -32.19
CA VAL B 20 -10.50 8.02 -31.71
C VAL B 20 -10.90 8.79 -30.45
N SER B 21 -12.17 9.15 -30.38
CA SER B 21 -12.71 9.97 -29.29
C SER B 21 -13.85 9.23 -28.61
N CYS B 22 -13.92 9.36 -27.29
CA CYS B 22 -15.05 8.84 -26.51
C CYS B 22 -15.60 9.97 -25.66
N LYS B 23 -16.79 10.44 -25.99
CA LYS B 23 -17.41 11.58 -25.32
C LYS B 23 -18.30 11.08 -24.19
N ALA B 24 -18.12 11.65 -23.01
CA ALA B 24 -18.82 11.18 -21.82
C ALA B 24 -20.25 11.72 -21.76
N SER B 25 -21.13 10.94 -21.15
CA SER B 25 -22.51 11.36 -20.91
C SER B 25 -23.04 10.60 -19.70
N GLY B 26 -24.06 11.19 -19.07
CA GLY B 26 -24.65 10.60 -17.89
C GLY B 26 -23.95 10.92 -16.58
N TYR B 27 -22.86 11.67 -16.62
CA TYR B 27 -22.12 12.02 -15.41
C TYR B 27 -21.27 13.25 -15.70
N THR B 28 -20.81 13.88 -14.62
CA THR B 28 -19.82 14.93 -14.76
C THR B 28 -18.51 14.35 -15.23
N PHE B 29 -17.86 15.06 -16.16
CA PHE B 29 -16.69 14.49 -16.84
C PHE B 29 -15.52 14.34 -15.88
N THR B 30 -15.28 15.36 -15.06
CA THR B 30 -14.03 15.43 -14.31
C THR B 30 -14.03 14.48 -13.10
N ASN B 31 -15.21 14.18 -12.55
CA ASN B 31 -15.26 13.43 -11.30
C ASN B 31 -14.70 12.01 -11.45
N ASN B 32 -14.99 11.35 -12.58
CA ASN B 32 -14.74 9.93 -12.73
C ASN B 32 -13.80 9.66 -13.91
N HIS B 33 -12.96 8.65 -13.76
CA HIS B 33 -11.90 8.38 -14.72
C HIS B 33 -12.44 7.74 -15.99
N LEU B 34 -11.55 7.60 -16.98
CA LEU B 34 -11.85 6.93 -18.23
C LEU B 34 -10.55 6.35 -18.80
N ASN B 35 -10.54 5.04 -19.02
CA ASN B 35 -9.35 4.36 -19.53
C ASN B 35 -9.74 3.41 -20.66
N TRP B 36 -8.73 2.85 -21.31
CA TRP B 36 -8.92 2.16 -22.59
C TRP B 36 -8.30 0.77 -22.59
N LEU B 37 -9.01 -0.19 -23.17
CA LEU B 37 -8.53 -1.54 -23.38
C LEU B 37 -8.97 -2.01 -24.76
N ARG B 38 -8.17 -2.88 -25.39
CA ARG B 38 -8.47 -3.37 -26.74
C ARG B 38 -8.64 -4.87 -26.73
N GLN B 39 -9.34 -5.37 -27.75
CA GLN B 39 -9.53 -6.80 -27.96
C GLN B 39 -9.04 -7.17 -29.36
N ALA B 40 -8.30 -8.27 -29.45
CA ALA B 40 -7.84 -8.80 -30.71
C ALA B 40 -8.43 -10.19 -30.93
N PRO B 41 -9.22 -10.40 -31.98
CA PRO B 41 -9.83 -11.72 -32.19
C PRO B 41 -8.78 -12.80 -32.35
N GLY B 42 -9.04 -13.96 -31.76
CA GLY B 42 -8.05 -15.01 -31.70
C GLY B 42 -6.99 -14.84 -30.65
N GLN B 43 -7.08 -13.77 -29.84
CA GLN B 43 -6.10 -13.50 -28.79
C GLN B 43 -6.81 -12.94 -27.58
N GLY B 44 -6.04 -12.68 -26.53
CA GLY B 44 -6.62 -12.13 -25.31
C GLY B 44 -6.86 -10.64 -25.42
N ARG B 45 -7.40 -10.08 -24.34
CA ARG B 45 -7.64 -8.65 -24.27
C ARG B 45 -6.50 -7.94 -23.54
N GLU B 46 -6.26 -6.69 -23.91
CA GLU B 46 -5.15 -5.91 -23.38
C GLU B 46 -5.61 -4.48 -23.12
N TRP B 47 -4.91 -3.80 -22.20
CA TRP B 47 -5.35 -2.52 -21.65
C TRP B 47 -4.37 -1.43 -22.09
N MET B 48 -4.92 -0.35 -22.65
CA MET B 48 -4.08 0.77 -23.10
C MET B 48 -3.46 1.52 -21.93
N GLY B 49 -4.29 2.17 -21.13
CA GLY B 49 -3.80 3.10 -20.13
C GLY B 49 -4.95 3.95 -19.63
N ILE B 50 -4.64 4.78 -18.64
CA ILE B 50 -5.65 5.57 -17.94
C ILE B 50 -5.27 7.05 -18.04
N ILE B 51 -6.28 7.89 -18.24
CA ILE B 51 -6.13 9.35 -18.27
C ILE B 51 -6.97 9.95 -17.16
N ASP B 52 -6.47 11.02 -16.55
CA ASP B 52 -7.22 11.69 -15.50
C ASP B 52 -8.16 12.70 -16.14
N PRO B 53 -9.44 12.71 -15.79
CA PRO B 53 -10.34 13.70 -16.40
C PRO B 53 -10.10 15.12 -15.91
N ARG B 54 -10.02 15.35 -14.60
CA ARG B 54 -9.92 16.70 -14.08
C ARG B 54 -8.53 17.29 -14.29
N SER B 55 -7.48 16.54 -13.92
CA SER B 55 -6.12 17.06 -14.09
C SER B 55 -5.67 16.97 -15.55
N GLY B 56 -6.22 16.01 -16.29
CA GLY B 56 -5.81 15.81 -17.67
C GLY B 56 -4.58 14.96 -17.85
N GLY B 57 -3.95 14.50 -16.78
CA GLY B 57 -2.76 13.69 -16.91
C GLY B 57 -3.09 12.29 -17.39
N SER B 58 -2.10 11.66 -18.03
CA SER B 58 -2.26 10.35 -18.63
C SER B 58 -1.17 9.41 -18.12
N SER B 59 -1.57 8.20 -17.73
CA SER B 59 -0.64 7.13 -17.39
C SER B 59 -0.89 5.97 -18.35
N LEU B 60 0.18 5.51 -19.00
CA LEU B 60 0.08 4.58 -20.11
C LEU B 60 0.91 3.34 -19.81
N ALA B 61 0.38 2.18 -20.23
CA ALA B 61 1.07 0.91 -20.00
C ALA B 61 2.41 0.86 -20.71
N GLN B 62 3.41 0.29 -20.04
CA GLN B 62 4.75 0.21 -20.61
C GLN B 62 4.75 -0.65 -21.87
N LYS B 63 3.86 -1.64 -21.93
CA LYS B 63 3.86 -2.58 -23.04
C LYS B 63 3.58 -1.90 -24.37
N PHE B 64 2.64 -0.96 -24.40
CA PHE B 64 2.40 -0.12 -25.57
C PHE B 64 2.68 1.35 -25.32
N GLN B 65 3.70 1.68 -24.52
CA GLN B 65 4.00 3.08 -24.25
C GLN B 65 4.66 3.71 -25.46
N GLY B 66 4.32 4.97 -25.73
CA GLY B 66 4.96 5.75 -26.77
C GLY B 66 4.24 5.75 -28.11
N ARG B 67 3.57 4.65 -28.46
CA ARG B 67 2.84 4.62 -29.73
C ARG B 67 1.60 5.49 -29.67
N VAL B 68 1.01 5.64 -28.49
CA VAL B 68 -0.28 6.30 -28.31
C VAL B 68 -0.10 7.52 -27.42
N THR B 69 -0.76 8.61 -27.79
CA THR B 69 -0.80 9.82 -26.99
C THR B 69 -2.25 10.10 -26.59
N MET B 70 -2.47 10.41 -25.33
CA MET B 70 -3.81 10.67 -24.81
C MET B 70 -3.83 12.03 -24.10
N THR B 71 -4.78 12.87 -24.49
CA THR B 71 -4.95 14.20 -23.92
C THR B 71 -6.41 14.42 -23.55
N SER B 72 -6.64 14.89 -22.33
CA SER B 72 -7.99 15.10 -21.80
C SER B 72 -8.29 16.60 -21.76
N VAL B 73 -9.43 17.00 -22.31
CA VAL B 73 -9.83 18.39 -22.40
C VAL B 73 -11.21 18.54 -21.76
N THR B 74 -11.36 19.59 -20.95
CA THR B 74 -12.63 19.79 -20.24
C THR B 74 -13.78 20.03 -21.20
N SER B 75 -13.62 20.95 -22.14
CA SER B 75 -14.74 21.32 -23.03
C SER B 75 -15.12 20.17 -23.95
N THR B 76 -14.13 19.44 -24.47
CA THR B 76 -14.41 18.37 -25.41
C THR B 76 -15.11 17.19 -24.74
N ASN B 77 -14.90 17.02 -23.44
CA ASN B 77 -15.47 15.90 -22.68
C ASN B 77 -15.01 14.56 -23.26
N THR B 78 -13.82 14.55 -23.84
CA THR B 78 -13.32 13.36 -24.51
C THR B 78 -11.80 13.39 -24.51
N VAL B 79 -11.21 12.22 -24.79
CA VAL B 79 -9.77 12.05 -24.87
C VAL B 79 -9.42 11.42 -26.22
N TYR B 80 -8.32 11.89 -26.79
CA TYR B 80 -7.89 11.53 -28.14
C TYR B 80 -6.75 10.53 -28.06
N MET B 81 -6.67 9.61 -29.02
CA MET B 81 -5.45 8.81 -29.09
C MET B 81 -4.72 9.06 -30.41
N GLU B 82 -3.42 8.79 -30.38
CA GLU B 82 -2.58 8.91 -31.55
C GLU B 82 -1.96 7.56 -31.85
N MET B 83 -1.62 7.32 -33.11
CA MET B 83 -1.07 6.05 -33.54
C MET B 83 0.08 6.35 -34.49
N VAL B 84 1.28 5.91 -34.12
CA VAL B 84 2.48 6.18 -34.89
C VAL B 84 3.02 4.87 -35.44
N SER B 85 3.27 4.84 -36.74
CA SER B 85 3.71 3.63 -37.43
C SER B 85 2.72 2.50 -37.18
N LEU B 86 1.50 2.69 -37.64
CA LEU B 86 0.46 1.67 -37.49
C LEU B 86 0.84 0.43 -38.28
N LYS B 87 1.14 -0.65 -37.58
CA LYS B 87 1.43 -1.93 -38.20
C LYS B 87 0.15 -2.73 -38.36
N SER B 88 0.16 -3.64 -39.33
CA SER B 88 -1.04 -4.41 -39.65
C SER B 88 -1.46 -5.27 -38.47
N GLU B 89 -0.50 -5.78 -37.70
CA GLU B 89 -0.83 -6.60 -36.55
C GLU B 89 -1.56 -5.79 -35.48
N ASP B 90 -1.16 -4.54 -35.29
CA ASP B 90 -1.69 -3.76 -34.18
C ASP B 90 -3.14 -3.34 -34.42
N THR B 91 -3.58 -3.33 -35.68
CA THR B 91 -4.96 -2.96 -35.98
C THR B 91 -5.92 -3.95 -35.34
N ALA B 92 -6.91 -3.43 -34.61
CA ALA B 92 -7.86 -4.27 -33.89
C ALA B 92 -9.03 -3.42 -33.43
N VAL B 93 -9.85 -4.00 -32.55
CA VAL B 93 -10.96 -3.28 -31.95
C VAL B 93 -10.55 -2.77 -30.58
N TYR B 94 -10.90 -1.50 -30.30
CA TYR B 94 -10.48 -0.80 -29.11
C TYR B 94 -11.72 -0.34 -28.34
N TYR B 95 -11.78 -0.66 -27.05
CA TYR B 95 -12.90 -0.29 -26.21
C TYR B 95 -12.50 0.83 -25.26
N CYS B 96 -13.41 1.78 -25.07
CA CYS B 96 -13.29 2.72 -23.96
C CYS B 96 -13.91 2.13 -22.70
N ALA B 97 -13.31 2.45 -21.56
CA ALA B 97 -13.79 1.96 -20.27
C ALA B 97 -13.81 3.11 -19.27
N ARG B 98 -14.90 3.20 -18.53
CA ARG B 98 -15.11 4.27 -17.56
C ARG B 98 -15.18 3.68 -16.15
N GLY B 99 -14.52 4.34 -15.21
CA GLY B 99 -14.55 3.93 -13.82
C GLY B 99 -14.30 5.11 -12.92
N GLY B 100 -14.28 4.82 -11.62
CA GLY B 100 -14.05 5.85 -10.62
C GLY B 100 -12.59 6.16 -10.43
N SER B 101 -12.14 6.18 -9.17
CA SER B 101 -10.76 6.48 -8.86
C SER B 101 -9.85 5.32 -9.30
N LYS B 102 -8.55 5.49 -9.04
CA LYS B 102 -7.60 4.45 -9.43
C LYS B 102 -7.84 3.16 -8.67
N TRP B 103 -8.07 3.25 -7.35
CA TRP B 103 -8.33 2.04 -6.58
C TRP B 103 -9.64 1.38 -7.00
N TYR B 104 -10.55 2.16 -7.57
CA TYR B 104 -11.78 1.61 -8.17
C TYR B 104 -11.42 1.01 -9.53
N GLU B 105 -10.65 -0.09 -9.47
CA GLU B 105 -10.16 -0.73 -10.67
C GLU B 105 -11.33 -1.18 -11.56
N GLY B 106 -12.47 -1.49 -10.95
CA GLY B 106 -13.62 -1.94 -11.70
C GLY B 106 -14.18 -0.88 -12.63
N PHE B 107 -14.15 -1.14 -13.93
CA PHE B 107 -14.75 -0.22 -14.89
C PHE B 107 -16.25 -0.45 -14.91
N ASP B 108 -17.02 0.62 -14.81
CA ASP B 108 -18.46 0.49 -14.70
C ASP B 108 -19.20 0.76 -16.01
N ASN B 109 -18.52 1.30 -17.02
CA ASN B 109 -19.10 1.40 -18.36
C ASN B 109 -18.09 0.93 -19.38
N TRP B 110 -18.54 0.88 -20.64
CA TRP B 110 -17.86 0.17 -21.70
C TRP B 110 -17.89 0.99 -22.98
N GLY B 111 -16.96 0.71 -23.89
CA GLY B 111 -16.98 1.36 -25.19
C GLY B 111 -17.45 0.39 -26.28
N GLN B 112 -18.05 0.97 -27.32
CA GLN B 112 -18.56 0.13 -28.41
C GLN B 112 -17.42 -0.47 -29.23
N GLY B 113 -16.39 0.31 -29.53
CA GLY B 113 -15.25 -0.18 -30.27
C GLY B 113 -15.29 0.17 -31.75
N THR B 114 -14.18 -0.10 -32.42
CA THR B 114 -14.03 0.17 -33.85
C THR B 114 -13.52 -1.08 -34.54
N LEU B 115 -14.32 -1.60 -35.48
CA LEU B 115 -14.01 -2.84 -36.19
C LEU B 115 -14.51 -2.74 -37.62
N VAL B 116 -13.75 -3.31 -38.55
CA VAL B 116 -14.14 -3.33 -39.95
C VAL B 116 -14.09 -4.76 -40.48
N VAL C 1 0.09 -15.25 -17.60
CA VAL C 1 -0.43 -14.02 -17.02
C VAL C 1 -1.96 -14.02 -17.06
N LEU C 2 -2.52 -14.19 -18.26
CA LEU C 2 -3.97 -14.26 -18.41
C LEU C 2 -4.51 -15.54 -17.78
N THR C 3 -5.72 -15.45 -17.26
CA THR C 3 -6.36 -16.60 -16.63
C THR C 3 -6.75 -17.62 -17.69
N GLN C 4 -6.41 -18.89 -17.44
CA GLN C 4 -6.70 -19.94 -18.42
C GLN C 4 -8.20 -20.16 -18.57
N ALA C 5 -8.91 -20.35 -17.46
CA ALA C 5 -10.35 -20.58 -17.38
C ALA C 5 -10.76 -21.89 -18.05
N PRO C 6 -11.87 -22.49 -17.63
CA PRO C 6 -12.30 -23.75 -18.26
C PRO C 6 -13.25 -23.55 -19.42
N SER C 7 -13.67 -24.66 -20.04
CA SER C 7 -14.68 -24.67 -21.09
C SER C 7 -15.96 -25.30 -20.58
N ALA C 8 -17.10 -24.72 -20.96
CA ALA C 8 -18.39 -25.17 -20.44
C ALA C 8 -19.41 -25.24 -21.56
N SER C 9 -20.43 -26.08 -21.34
CA SER C 9 -21.59 -26.17 -22.21
C SER C 9 -22.84 -26.07 -21.34
N GLY C 10 -23.75 -25.18 -21.72
CA GLY C 10 -24.88 -24.88 -20.85
C GLY C 10 -25.85 -26.04 -20.74
N THR C 11 -26.48 -26.13 -19.57
CA THR C 11 -27.56 -27.07 -19.31
C THR C 11 -28.71 -26.32 -18.65
N PRO C 12 -29.91 -26.35 -19.22
CA PRO C 12 -30.99 -25.51 -18.70
C PRO C 12 -31.33 -25.82 -17.25
N GLY C 13 -31.64 -24.78 -16.49
CA GLY C 13 -32.02 -24.94 -15.10
C GLY C 13 -30.95 -25.56 -14.23
N GLN C 14 -29.69 -25.18 -14.44
CA GLN C 14 -28.59 -25.75 -13.68
C GLN C 14 -27.60 -24.65 -13.31
N ARG C 15 -27.14 -24.68 -12.07
CA ARG C 15 -26.14 -23.72 -11.61
C ARG C 15 -24.79 -24.03 -12.23
N ALA C 16 -24.11 -22.99 -12.71
CA ALA C 16 -22.81 -23.14 -13.36
C ALA C 16 -21.87 -22.07 -12.83
N THR C 17 -20.57 -22.36 -12.93
CA THR C 17 -19.55 -21.46 -12.41
C THR C 17 -18.40 -21.35 -13.40
N ILE C 18 -17.65 -20.26 -13.29
CA ILE C 18 -16.45 -20.02 -14.09
C ILE C 18 -15.31 -19.68 -13.14
N SER C 19 -14.19 -20.37 -13.30
CA SER C 19 -13.02 -20.20 -12.45
C SER C 19 -11.85 -19.64 -13.25
N CYS C 20 -11.00 -18.88 -12.56
CA CYS C 20 -9.84 -18.25 -13.16
C CYS C 20 -8.55 -18.77 -12.53
N SER C 21 -7.48 -18.77 -13.31
CA SER C 21 -6.18 -19.25 -12.87
C SER C 21 -5.16 -18.14 -13.05
N GLY C 22 -4.67 -17.59 -11.95
CA GLY C 22 -3.70 -16.51 -12.02
C GLY C 22 -2.66 -16.64 -10.92
N SER C 23 -1.64 -15.80 -11.00
CA SER C 23 -0.58 -15.82 -10.02
C SER C 23 -1.05 -15.15 -8.72
N TYR C 24 -0.18 -15.21 -7.70
CA TYR C 24 -0.44 -14.49 -6.46
C TYR C 24 -0.46 -12.98 -6.70
N SER C 25 0.49 -12.48 -7.49
CA SER C 25 0.54 -11.06 -7.78
C SER C 25 -0.62 -10.61 -8.65
N ASN C 26 -1.19 -11.53 -9.42
CA ASN C 26 -2.26 -11.17 -10.35
C ASN C 26 -3.61 -11.05 -9.66
N ILE C 27 -3.96 -12.04 -8.83
CA ILE C 27 -5.28 -12.08 -8.22
C ILE C 27 -5.22 -12.24 -6.71
N GLY C 28 -4.13 -12.77 -6.16
CA GLY C 28 -4.10 -13.03 -4.72
C GLY C 28 -4.18 -11.77 -3.89
N ASN C 29 -3.40 -10.75 -4.25
CA ASN C 29 -3.37 -9.52 -3.48
C ASN C 29 -4.38 -8.49 -3.98
N ASN C 30 -4.56 -8.39 -5.30
CA ASN C 30 -5.47 -7.43 -5.90
C ASN C 30 -6.82 -8.09 -6.15
N ASN C 31 -7.89 -7.41 -5.76
CA ASN C 31 -9.23 -7.95 -5.93
C ASN C 31 -9.60 -8.03 -7.41
N VAL C 32 -10.62 -8.82 -7.70
CA VAL C 32 -11.06 -9.05 -9.07
C VAL C 32 -12.49 -8.55 -9.22
N TYR C 33 -12.90 -8.35 -10.47
CA TYR C 33 -14.27 -8.01 -10.81
C TYR C 33 -14.59 -8.62 -12.16
N TRP C 34 -15.83 -9.09 -12.30
CA TRP C 34 -16.24 -9.91 -13.42
C TRP C 34 -16.95 -9.10 -14.50
N TYR C 35 -17.10 -9.71 -15.67
CA TYR C 35 -17.62 -9.02 -16.85
C TYR C 35 -18.37 -10.03 -17.71
N GLN C 36 -19.69 -10.03 -17.61
CA GLN C 36 -20.54 -10.89 -18.42
C GLN C 36 -20.74 -10.26 -19.78
N GLN C 37 -20.45 -11.03 -20.83
CA GLN C 37 -20.58 -10.54 -22.19
C GLN C 37 -21.30 -11.58 -23.04
N LEU C 38 -22.10 -11.08 -23.99
CA LEU C 38 -22.78 -11.86 -25.00
C LEU C 38 -22.34 -11.36 -26.37
N PRO C 39 -22.28 -12.24 -27.38
CA PRO C 39 -21.96 -11.78 -28.73
C PRO C 39 -22.93 -10.71 -29.20
N GLU C 40 -22.44 -9.87 -30.10
CA GLU C 40 -23.11 -8.67 -30.57
C GLU C 40 -23.66 -7.80 -29.45
N THR C 41 -23.14 -7.96 -28.23
CA THR C 41 -23.48 -7.08 -27.11
C THR C 41 -22.20 -6.58 -26.46
N ALA C 42 -22.32 -5.42 -25.80
CA ALA C 42 -21.18 -4.77 -25.15
C ALA C 42 -20.89 -5.43 -23.81
N PRO C 43 -19.70 -5.19 -23.25
CA PRO C 43 -19.38 -5.72 -21.92
C PRO C 43 -20.32 -5.17 -20.85
N LYS C 44 -20.47 -5.93 -19.77
CA LYS C 44 -21.27 -5.50 -18.63
C LYS C 44 -20.59 -5.92 -17.34
N LEU C 45 -20.49 -4.98 -16.40
CA LEU C 45 -19.92 -5.28 -15.09
C LEU C 45 -20.78 -6.30 -14.37
N LEU C 46 -20.14 -7.26 -13.70
CA LEU C 46 -20.85 -8.35 -13.06
C LEU C 46 -20.71 -8.37 -11.54
N ILE C 47 -19.49 -8.34 -11.01
CA ILE C 47 -19.28 -8.27 -9.57
C ILE C 47 -18.28 -7.15 -9.28
N TYR C 48 -18.37 -6.60 -8.07
CA TYR C 48 -17.64 -5.39 -7.72
C TYR C 48 -16.90 -5.60 -6.40
N ASN C 49 -15.61 -5.27 -6.41
CA ASN C 49 -14.71 -5.43 -5.25
C ASN C 49 -14.62 -6.86 -4.76
N ASN C 50 -14.73 -7.84 -5.65
CA ASN C 50 -14.36 -9.24 -5.43
C ASN C 50 -15.27 -9.95 -4.43
N ASP C 51 -16.25 -9.28 -3.83
CA ASP C 51 -17.12 -9.92 -2.85
C ASP C 51 -18.60 -9.63 -3.02
N GLN C 52 -18.98 -8.66 -3.84
CA GLN C 52 -20.38 -8.30 -3.99
C GLN C 52 -20.64 -7.86 -5.43
N ARG C 53 -21.89 -7.96 -5.82
CA ARG C 53 -22.30 -7.45 -7.12
C ARG C 53 -22.59 -5.95 -7.03
N PRO C 54 -22.43 -5.22 -8.13
CA PRO C 54 -22.82 -3.81 -8.14
C PRO C 54 -24.34 -3.66 -8.08
N SER C 55 -24.77 -2.45 -7.73
CA SER C 55 -26.20 -2.16 -7.66
C SER C 55 -26.85 -2.35 -9.01
N GLY C 56 -28.00 -3.02 -9.02
CA GLY C 56 -28.72 -3.31 -10.24
C GLY C 56 -28.48 -4.69 -10.81
N VAL C 57 -27.37 -5.34 -10.46
CA VAL C 57 -27.13 -6.71 -10.91
C VAL C 57 -28.07 -7.64 -10.16
N PRO C 58 -28.69 -8.63 -10.82
CA PRO C 58 -29.62 -9.52 -10.12
C PRO C 58 -28.95 -10.22 -8.95
N ASP C 59 -29.69 -10.30 -7.82
CA ASP C 59 -29.15 -10.87 -6.59
C ASP C 59 -29.03 -12.39 -6.65
N ARG C 60 -29.57 -13.03 -7.69
CA ARG C 60 -29.48 -14.49 -7.79
C ARG C 60 -28.04 -14.95 -7.94
N PHE C 61 -27.17 -14.09 -8.44
CA PHE C 61 -25.80 -14.48 -8.72
C PHE C 61 -24.92 -14.29 -7.48
N SER C 62 -23.94 -15.19 -7.32
CA SER C 62 -22.98 -15.11 -6.24
C SER C 62 -21.61 -15.51 -6.77
N ALA C 63 -20.58 -14.92 -6.17
CA ALA C 63 -19.20 -15.18 -6.61
C ALA C 63 -18.27 -15.08 -5.41
N SER C 64 -17.14 -15.79 -5.51
CA SER C 64 -16.15 -15.79 -4.43
C SER C 64 -14.80 -16.16 -5.02
N LYS C 65 -13.75 -15.92 -4.23
CA LYS C 65 -12.39 -16.16 -4.65
C LYS C 65 -11.69 -17.05 -3.63
N SER C 66 -10.85 -17.96 -4.12
CA SER C 66 -10.04 -18.82 -3.26
C SER C 66 -8.61 -18.80 -3.80
N GLY C 67 -7.83 -17.85 -3.33
CA GLY C 67 -6.45 -17.74 -3.79
C GLY C 67 -6.40 -17.44 -5.27
N THR C 68 -5.70 -18.30 -6.02
CA THR C 68 -5.57 -18.11 -7.46
C THR C 68 -6.89 -18.30 -8.21
N SER C 69 -7.89 -18.87 -7.56
CA SER C 69 -9.15 -19.22 -8.21
C SER C 69 -10.27 -18.33 -7.68
N ALA C 70 -11.06 -17.78 -8.59
CA ALA C 70 -12.27 -17.06 -8.25
C ALA C 70 -13.43 -17.71 -8.97
N SER C 71 -14.45 -18.12 -8.22
CA SER C 71 -15.59 -18.83 -8.77
C SER C 71 -16.75 -17.87 -8.97
N LEU C 72 -17.15 -17.70 -10.23
CA LEU C 72 -18.30 -16.87 -10.59
C LEU C 72 -19.48 -17.80 -10.85
N ALA C 73 -20.41 -17.87 -9.92
CA ALA C 73 -21.53 -18.79 -10.00
C ALA C 73 -22.75 -18.10 -10.59
N ILE C 74 -23.42 -18.79 -11.52
CA ILE C 74 -24.62 -18.29 -12.17
C ILE C 74 -25.79 -19.14 -11.70
N SER C 75 -26.81 -18.49 -11.14
CA SER C 75 -27.96 -19.19 -10.58
C SER C 75 -28.81 -19.76 -11.71
N GLY C 76 -28.79 -21.09 -11.86
CA GLY C 76 -29.55 -21.74 -12.90
C GLY C 76 -29.19 -21.24 -14.28
N LEU C 77 -27.98 -21.55 -14.74
CA LEU C 77 -27.50 -21.01 -15.99
C LEU C 77 -28.35 -21.48 -17.16
N ARG C 78 -28.61 -20.56 -18.09
CA ARG C 78 -29.39 -20.84 -19.29
C ARG C 78 -28.48 -20.79 -20.50
N SER C 79 -28.73 -21.68 -21.47
CA SER C 79 -27.89 -21.76 -22.66
C SER C 79 -27.93 -20.48 -23.47
N GLU C 80 -29.09 -19.82 -23.53
CA GLU C 80 -29.18 -18.56 -24.26
C GLU C 80 -28.31 -17.49 -23.64
N ASP C 81 -28.29 -17.41 -22.30
CA ASP C 81 -27.41 -16.46 -21.62
C ASP C 81 -25.96 -16.93 -21.63
N GLU C 82 -25.73 -18.24 -21.77
CA GLU C 82 -24.38 -18.78 -21.67
C GLU C 82 -23.50 -18.21 -22.77
N ALA C 83 -22.33 -17.73 -22.38
CA ALA C 83 -21.33 -17.22 -23.30
C ALA C 83 -19.99 -17.22 -22.58
N GLU C 84 -18.92 -17.12 -23.35
CA GLU C 84 -17.59 -17.10 -22.75
C GLU C 84 -17.42 -15.86 -21.89
N TYR C 85 -16.87 -16.04 -20.71
CA TYR C 85 -16.61 -14.96 -19.77
C TYR C 85 -15.11 -14.82 -19.57
N PHE C 86 -14.72 -13.77 -18.85
CA PHE C 86 -13.31 -13.39 -18.76
C PHE C 86 -13.08 -12.57 -17.50
N CYS C 87 -12.02 -12.92 -16.77
CA CYS C 87 -11.69 -12.19 -15.55
C CYS C 87 -11.20 -10.79 -15.89
N ALA C 88 -11.11 -9.96 -14.85
CA ALA C 88 -10.54 -8.62 -14.97
C ALA C 88 -9.91 -8.27 -13.63
N ALA C 89 -8.61 -8.47 -13.52
CA ALA C 89 -7.87 -8.20 -12.30
C ALA C 89 -6.67 -7.33 -12.61
N TRP C 90 -6.19 -6.62 -11.60
CA TRP C 90 -5.03 -5.76 -11.74
C TRP C 90 -3.77 -6.56 -11.47
N ASN C 91 -2.79 -6.44 -12.37
CA ASN C 91 -1.53 -7.15 -12.25
C ASN C 91 -0.44 -6.11 -11.96
N ASN C 92 0.46 -6.45 -11.06
CA ASN C 92 1.64 -5.64 -10.76
C ASN C 92 2.80 -6.62 -10.58
N GLY C 93 3.51 -6.90 -11.66
CA GLY C 93 4.56 -7.90 -11.62
C GLY C 93 5.87 -7.45 -12.24
N LEU C 94 6.93 -7.47 -11.43
CA LEU C 94 8.28 -7.12 -11.86
C LEU C 94 8.25 -5.69 -12.38
N SER C 95 8.78 -5.42 -13.58
CA SER C 95 8.88 -4.05 -14.05
C SER C 95 7.55 -3.50 -14.54
N GLY C 96 6.55 -4.35 -14.75
CA GLY C 96 5.29 -3.93 -15.34
C GLY C 96 4.11 -4.16 -14.42
N SER C 97 3.19 -3.20 -14.41
CA SER C 97 1.90 -3.34 -13.74
C SER C 97 0.81 -2.90 -14.69
N ASN C 98 -0.24 -3.70 -14.80
CA ASN C 98 -1.28 -3.43 -15.78
C ASN C 98 -2.51 -4.25 -15.44
N TRP C 99 -3.63 -3.88 -16.07
CA TRP C 99 -4.83 -4.69 -16.00
C TRP C 99 -4.66 -5.92 -16.89
N VAL C 100 -4.94 -7.10 -16.35
CA VAL C 100 -4.82 -8.35 -17.08
C VAL C 100 -6.21 -8.97 -17.18
N PHE C 101 -6.58 -9.36 -18.40
CA PHE C 101 -7.87 -10.00 -18.66
C PHE C 101 -7.61 -11.38 -19.24
N GLY C 102 -8.05 -12.41 -18.52
CA GLY C 102 -7.92 -13.76 -19.02
C GLY C 102 -9.18 -14.24 -19.71
N GLY C 103 -9.20 -14.19 -21.03
CA GLY C 103 -10.35 -14.63 -21.79
C GLY C 103 -10.64 -16.10 -21.62
N GLY C 104 -11.84 -16.43 -21.16
CA GLY C 104 -12.20 -17.81 -20.97
C GLY C 104 -12.41 -18.53 -22.29
N THR C 105 -12.51 -19.86 -22.19
CA THR C 105 -12.74 -20.67 -23.38
C THR C 105 -14.10 -20.32 -23.98
N GLN C 106 -14.17 -20.39 -25.31
CA GLN C 106 -15.37 -19.98 -26.02
C GLN C 106 -16.57 -20.81 -25.59
N LEU C 107 -17.68 -20.13 -25.33
CA LEU C 107 -18.91 -20.80 -24.91
C LEU C 107 -20.05 -20.47 -25.87
C1 NAG D . -6.10 4.11 43.50
C2 NAG D . -6.82 4.78 42.34
C3 NAG D . -6.13 4.42 41.01
C4 NAG D . -4.66 4.77 41.08
C5 NAG D . -4.02 4.12 42.30
C6 NAG D . -2.57 4.52 42.49
C7 NAG D . -9.23 5.22 42.54
C8 NAG D . -8.85 6.64 42.86
N2 NAG D . -8.22 4.38 42.30
O3 NAG D . -6.75 5.13 39.95
O4 NAG D . -4.00 4.32 39.90
O5 NAG D . -4.72 4.51 43.48
O6 NAG D . -2.46 5.79 43.12
O7 NAG D . -10.40 4.86 42.51
C1 NAG E . -10.16 0.91 7.09
C2 NAG E . -11.44 1.14 7.90
C3 NAG E . -11.89 2.59 7.77
C4 NAG E . -10.76 3.55 8.13
C5 NAG E . -9.52 3.21 7.31
C6 NAG E . -8.32 4.04 7.69
C7 NAG E . -12.92 -0.79 8.24
C8 NAG E . -12.25 -0.96 9.56
N2 NAG E . -12.49 0.23 7.48
O3 NAG E . -13.01 2.82 8.62
O4 NAG E . -11.15 4.89 7.86
O5 NAG E . -9.15 1.83 7.51
O6 NAG E . -7.12 3.46 7.19
O7 NAG E . -13.81 -1.55 7.85
#